data_3HDX
#
_entry.id   3HDX
#
_cell.length_a   56.221
_cell.length_b   56.221
_cell.length_c   301.899
_cell.angle_alpha   90.00
_cell.angle_beta   90.00
_cell.angle_gamma   90.00
#
_symmetry.space_group_name_H-M   'P 41 21 2'
#
loop_
_entity.id
_entity.type
_entity.pdbx_description
1 polymer 'SusD superfamily protein'
2 non-polymer 1,2-ETHANEDIOL
3 water water
#
_entity_poly.entity_id   1
_entity_poly.type   'polypeptide(L)'
_entity_poly.pdbx_seq_one_letter_code
;GASETQQWKTLEDTRSAL(MSE)GVYGLTRAALADNNTHWICGDLRKGDFTVYKRSDLQAVSDNELNKPYDLLKKVSNWR
RFYAVINAASVF(MSE)EKAPRTVELDRSYSEQNLKYDIAQVRALRAFAYFY(MSE)VRIWGDVPLVTYSYDNGTFPS
(MSE)PRTDAQTVLSYAKAELLTAIEDLPYQYGTQTNLYYGSYGAQWQGKLFNKLSAYSVLAHICAWQGNYAEAETYSAF
IIDHASEINAKYTSIADLTSETGLFYSNASVKGSRILGFNFAHNDNEATQSGHLEQLTLAYPLVQKSYPEIYISKDSLFS
IFTNFDDLRFGIIDTIKYSSYYVQNLNEETPVFSKIKIIQDGSAKDNDFGVFGSSIVFTRLEDITLLRAEALCALNRSTE
AVSYLN(MSE)IRTNRGLREVSFKKDFGNNRESLIAEIFEERRREL(MSE)GEGWRWYDLVRRQKL(MSE)KDNEAFLRL
ISSGGIYWPVSEDIITANSQIEQNEFWK
;
_entity_poly.pdbx_strand_id   A
#
# COMPACT_ATOMS: atom_id res chain seq x y z
N THR A 5 6.30 -31.13 2.86
CA THR A 5 5.17 -30.63 3.71
C THR A 5 5.76 -29.80 4.85
N GLN A 6 5.06 -28.72 5.21
CA GLN A 6 5.52 -27.83 6.27
C GLN A 6 5.46 -28.53 7.62
N GLN A 7 6.58 -28.50 8.36
CA GLN A 7 6.64 -29.01 9.72
C GLN A 7 6.93 -27.87 10.67
N TRP A 8 6.86 -28.16 11.97
CA TRP A 8 6.95 -27.13 13.03
C TRP A 8 7.82 -27.62 14.19
N LYS A 9 8.84 -28.39 13.84
CA LYS A 9 9.72 -29.04 14.82
CA LYS A 9 9.69 -29.03 14.84
C LYS A 9 10.83 -28.11 15.29
N THR A 10 11.34 -27.27 14.39
CA THR A 10 12.47 -26.43 14.68
C THR A 10 12.27 -24.95 14.38
N LEU A 11 13.20 -24.17 14.91
CA LEU A 11 13.24 -22.75 14.67
CA LEU A 11 13.32 -22.74 14.67
C LEU A 11 13.33 -22.46 13.16
N GLU A 12 14.08 -23.29 12.42
CA GLU A 12 14.22 -23.10 10.95
CA GLU A 12 14.24 -23.15 10.98
C GLU A 12 12.87 -23.33 10.27
N ASP A 13 12.07 -24.26 10.79
CA ASP A 13 10.73 -24.51 10.26
C ASP A 13 9.82 -23.26 10.43
N THR A 14 9.83 -22.66 11.61
CA THR A 14 8.98 -21.47 11.87
C THR A 14 9.50 -20.29 11.09
N ARG A 15 10.83 -20.13 11.01
CA ARG A 15 11.43 -19.04 10.21
CA ARG A 15 11.42 -19.06 10.23
C ARG A 15 10.95 -19.15 8.77
N SER A 16 11.04 -20.34 8.19
CA SER A 16 10.64 -20.55 6.80
C SER A 16 9.14 -20.23 6.56
N ALA A 17 8.30 -20.67 7.50
CA ALA A 17 6.86 -20.43 7.40
C ALA A 17 6.55 -18.93 7.53
N LEU A 18 7.22 -18.25 8.45
CA LEU A 18 7.01 -16.80 8.65
C LEU A 18 7.38 -16.08 7.34
N GLY A 20 7.41 -17.26 4.46
CA GLY A 20 6.39 -17.63 3.50
C GLY A 20 5.14 -16.76 3.56
N VAL A 21 4.70 -16.37 4.77
CA VAL A 21 3.54 -15.48 4.89
C VAL A 21 3.87 -14.10 4.26
N TYR A 22 5.08 -13.59 4.51
CA TYR A 22 5.54 -12.37 3.85
C TYR A 22 5.53 -12.52 2.34
N GLY A 23 6.04 -13.65 1.86
CA GLY A 23 6.09 -13.90 0.43
C GLY A 23 4.73 -13.92 -0.23
N LEU A 24 3.79 -14.58 0.43
CA LEU A 24 2.41 -14.65 -0.05
C LEU A 24 1.77 -13.27 -0.09
N THR A 25 2.08 -12.44 0.92
CA THR A 25 1.49 -11.08 0.99
C THR A 25 2.04 -10.22 -0.17
N ARG A 26 3.33 -10.33 -0.42
CA ARG A 26 3.97 -9.64 -1.57
C ARG A 26 3.31 -10.12 -2.86
N ALA A 27 3.13 -11.45 -3.00
CA ALA A 27 2.51 -12.01 -4.20
C ALA A 27 1.09 -11.53 -4.42
N ALA A 28 0.31 -11.34 -3.34
CA ALA A 28 -1.07 -10.86 -3.48
C ALA A 28 -1.14 -9.47 -4.13
N LEU A 29 -0.20 -8.61 -3.72
CA LEU A 29 -0.12 -7.23 -4.24
C LEU A 29 0.59 -7.14 -5.58
N ALA A 30 1.54 -8.03 -5.81
CA ALA A 30 2.38 -7.97 -7.02
C ALA A 30 1.83 -8.73 -8.21
N ASP A 31 1.06 -9.79 -7.98
CA ASP A 31 0.58 -10.61 -9.08
CA ASP A 31 0.46 -10.63 -9.04
C ASP A 31 -0.26 -9.77 -10.04
N ASN A 32 0.05 -9.90 -11.34
CA ASN A 32 -0.59 -9.11 -12.40
C ASN A 32 -0.52 -7.59 -12.16
N ASN A 33 0.50 -7.16 -11.42
CA ASN A 33 0.68 -5.75 -11.08
C ASN A 33 -0.53 -5.14 -10.35
N THR A 34 -1.20 -5.97 -9.55
CA THR A 34 -2.37 -5.59 -8.79
C THR A 34 -2.25 -4.25 -8.09
N HIS A 35 -1.15 -4.03 -7.39
CA HIS A 35 -1.02 -2.82 -6.58
C HIS A 35 -1.21 -1.54 -7.39
N TRP A 36 -0.61 -1.53 -8.57
CA TRP A 36 -0.63 -0.37 -9.48
C TRP A 36 -1.87 -0.35 -10.33
N ILE A 37 -2.30 -1.54 -10.78
CA ILE A 37 -3.51 -1.67 -11.60
C ILE A 37 -4.72 -1.16 -10.79
N CYS A 38 -4.82 -1.62 -9.54
CA CYS A 38 -5.94 -1.25 -8.69
C CYS A 38 -5.81 0.13 -8.06
N GLY A 39 -4.57 0.57 -7.80
CA GLY A 39 -4.31 1.80 -7.06
C GLY A 39 -3.94 3.04 -7.84
N ASP A 40 -3.23 2.87 -8.95
CA ASP A 40 -2.77 3.98 -9.78
C ASP A 40 -3.51 4.12 -11.10
N LEU A 41 -3.79 2.99 -11.75
CA LEU A 41 -4.32 3.03 -13.13
C LEU A 41 -5.79 3.41 -13.21
N ARG A 42 -6.58 2.85 -12.30
CA ARG A 42 -8.05 3.02 -12.25
C ARG A 42 -8.42 4.48 -12.01
N LYS A 43 -9.04 5.09 -13.02
CA LYS A 43 -9.36 6.52 -13.04
C LYS A 43 -8.16 7.41 -12.65
N GLY A 44 -6.97 6.95 -13.04
CA GLY A 44 -5.75 7.59 -12.66
C GLY A 44 -5.25 8.61 -13.64
N ASP A 45 -3.99 8.98 -13.45
CA ASP A 45 -3.32 10.01 -14.27
C ASP A 45 -2.48 9.45 -15.36
N PHE A 46 -2.49 8.12 -15.52
CA PHE A 46 -1.71 7.44 -16.56
C PHE A 46 -2.52 7.27 -17.84
N THR A 47 -1.91 7.72 -18.92
CA THR A 47 -2.38 7.50 -20.27
C THR A 47 -1.87 6.11 -20.66
N VAL A 48 -2.69 5.35 -21.38
CA VAL A 48 -2.33 4.02 -21.85
C VAL A 48 -1.86 4.15 -23.31
N TYR A 49 -0.67 3.59 -23.60
CA TYR A 49 -0.09 3.69 -24.93
C TYR A 49 -0.89 2.93 -25.98
N LYS A 50 -1.16 1.66 -25.71
CA LYS A 50 -1.88 0.81 -26.66
C LYS A 50 -2.79 -0.26 -26.15
N ARG A 51 -2.58 -0.75 -24.93
CA ARG A 51 -3.34 -1.92 -24.46
C ARG A 51 -4.79 -1.62 -24.10
N SER A 52 -5.73 -2.32 -24.74
CA SER A 52 -7.14 -2.12 -24.44
CA SER A 52 -7.14 -2.15 -24.45
C SER A 52 -7.50 -2.64 -23.04
N ASP A 53 -6.81 -3.67 -22.57
CA ASP A 53 -7.07 -4.24 -21.21
C ASP A 53 -6.72 -3.22 -20.12
N LEU A 54 -5.54 -2.62 -20.23
CA LEU A 54 -5.13 -1.53 -19.30
C LEU A 54 -6.07 -0.34 -19.45
N GLN A 55 -6.51 -0.04 -20.68
CA GLN A 55 -7.41 1.08 -20.88
C GLN A 55 -8.76 0.81 -20.16
N ALA A 56 -9.21 -0.45 -20.17
CA ALA A 56 -10.46 -0.81 -19.48
C ALA A 56 -10.36 -0.56 -17.97
N VAL A 57 -9.20 -0.90 -17.39
CA VAL A 57 -8.98 -0.59 -15.97
C VAL A 57 -9.07 0.93 -15.74
N SER A 58 -8.32 1.68 -16.55
CA SER A 58 -8.29 3.13 -16.44
C SER A 58 -9.69 3.76 -16.53
N ASP A 59 -10.52 3.21 -17.42
CA ASP A 59 -11.89 3.69 -17.59
C ASP A 59 -12.90 3.13 -16.60
N ASN A 60 -12.48 2.27 -15.67
CA ASN A 60 -13.42 1.60 -14.75
C ASN A 60 -14.45 0.70 -15.47
N GLU A 61 -14.05 0.12 -16.62
CA GLU A 61 -14.89 -0.79 -17.41
CA GLU A 61 -14.91 -0.79 -17.38
C GLU A 61 -14.44 -2.19 -17.04
N LEU A 62 -14.69 -2.57 -15.77
CA LEU A 62 -14.13 -3.79 -15.21
C LEU A 62 -14.82 -5.12 -15.60
N ASN A 63 -15.95 -4.97 -16.29
CA ASN A 63 -16.68 -6.14 -16.86
CA ASN A 63 -16.76 -6.04 -16.88
C ASN A 63 -16.32 -6.43 -18.30
N LYS A 64 -15.38 -5.70 -18.89
CA LYS A 64 -14.96 -5.99 -20.27
C LYS A 64 -14.24 -7.34 -20.33
N PRO A 65 -14.37 -8.05 -21.47
CA PRO A 65 -13.84 -9.44 -21.58
C PRO A 65 -12.33 -9.56 -21.80
N TYR A 66 -11.55 -9.12 -20.80
CA TYR A 66 -10.10 -9.17 -20.84
C TYR A 66 -9.61 -10.07 -19.73
N ASP A 67 -8.70 -10.97 -20.07
CA ASP A 67 -8.13 -11.92 -19.12
C ASP A 67 -7.48 -11.22 -17.89
N LEU A 68 -6.81 -10.09 -18.13
CA LEU A 68 -6.19 -9.34 -17.03
C LEU A 68 -7.20 -9.02 -15.96
N LEU A 69 -8.35 -8.52 -16.40
CA LEU A 69 -9.41 -8.13 -15.48
C LEU A 69 -9.92 -9.32 -14.69
N LYS A 70 -10.11 -10.46 -15.37
CA LYS A 70 -10.59 -11.65 -14.70
CA LYS A 70 -10.60 -11.65 -14.68
C LYS A 70 -9.58 -12.13 -13.63
N LYS A 71 -8.30 -12.13 -13.97
CA LYS A 71 -7.23 -12.55 -13.04
C LYS A 71 -7.10 -11.64 -11.83
N VAL A 72 -7.11 -10.34 -12.05
CA VAL A 72 -7.01 -9.41 -10.92
C VAL A 72 -8.23 -9.56 -10.00
N SER A 73 -9.40 -9.81 -10.59
CA SER A 73 -10.66 -9.90 -9.87
C SER A 73 -10.81 -11.15 -9.00
N ASN A 74 -9.97 -12.16 -9.19
CA ASN A 74 -10.02 -13.39 -8.38
C ASN A 74 -9.21 -13.12 -7.10
N TRP A 75 -9.88 -13.21 -5.96
CA TRP A 75 -9.27 -12.91 -4.66
C TRP A 75 -8.46 -14.05 -4.00
N ARG A 76 -8.25 -15.17 -4.70
CA ARG A 76 -7.59 -16.34 -4.09
CA ARG A 76 -7.56 -16.35 -4.11
C ARG A 76 -6.25 -15.99 -3.41
N ARG A 77 -5.42 -15.19 -4.08
CA ARG A 77 -4.12 -14.83 -3.56
C ARG A 77 -4.16 -14.14 -2.19
N PHE A 78 -5.24 -13.43 -1.92
CA PHE A 78 -5.43 -12.84 -0.59
C PHE A 78 -5.77 -13.90 0.46
N TYR A 79 -6.67 -14.81 0.14
CA TYR A 79 -6.99 -15.93 1.04
C TYR A 79 -5.76 -16.84 1.25
N ALA A 80 -4.83 -16.89 0.28
CA ALA A 80 -3.59 -17.64 0.51
C ALA A 80 -2.80 -17.06 1.69
N VAL A 81 -2.77 -15.72 1.78
CA VAL A 81 -2.10 -15.06 2.91
C VAL A 81 -2.82 -15.41 4.23
N ILE A 82 -4.13 -15.17 4.21
CA ILE A 82 -4.99 -15.34 5.40
C ILE A 82 -4.86 -16.77 5.94
N ASN A 83 -4.94 -17.77 5.06
CA ASN A 83 -4.86 -19.17 5.46
C ASN A 83 -3.46 -19.54 5.99
N ALA A 84 -2.42 -19.09 5.32
CA ALA A 84 -1.05 -19.36 5.78
C ALA A 84 -0.80 -18.74 7.18
N ALA A 85 -1.31 -17.53 7.38
CA ALA A 85 -1.23 -16.87 8.71
C ALA A 85 -2.02 -17.66 9.76
N SER A 86 -3.22 -18.10 9.43
CA SER A 86 -4.03 -18.86 10.36
C SER A 86 -3.33 -20.18 10.77
N VAL A 87 -2.75 -20.87 9.79
CA VAL A 87 -2.01 -22.12 10.06
C VAL A 87 -0.81 -21.83 10.97
N PHE A 88 -0.06 -20.77 10.67
CA PHE A 88 1.09 -20.40 11.47
C PHE A 88 0.66 -20.18 12.93
N GLU A 90 -1.87 -21.40 14.52
CA GLU A 90 -2.31 -22.66 15.10
CA GLU A 90 -2.31 -22.67 15.11
C GLU A 90 -1.16 -23.59 15.45
N LYS A 91 -0.13 -23.60 14.60
CA LYS A 91 0.94 -24.60 14.69
CA LYS A 91 0.96 -24.59 14.65
C LYS A 91 2.26 -24.16 15.30
N ALA A 92 2.64 -22.91 15.11
CA ALA A 92 3.90 -22.40 15.65
C ALA A 92 4.09 -22.48 17.18
N PRO A 93 2.99 -22.33 17.99
CA PRO A 93 3.20 -22.39 19.44
C PRO A 93 3.87 -23.70 19.91
N ARG A 94 3.57 -24.79 19.21
CA ARG A 94 4.19 -26.10 19.53
C ARG A 94 5.71 -26.06 19.45
N THR A 95 6.25 -25.27 18.54
CA THR A 95 7.70 -25.19 18.30
C THR A 95 8.47 -24.78 19.57
N VAL A 96 7.86 -23.94 20.40
CA VAL A 96 8.49 -23.52 21.67
C VAL A 96 8.75 -24.74 22.57
N GLU A 97 7.81 -25.69 22.56
CA GLU A 97 7.95 -26.94 23.35
C GLU A 97 8.95 -27.89 22.73
N LEU A 98 9.07 -27.86 21.40
CA LEU A 98 9.96 -28.79 20.68
C LEU A 98 11.39 -28.38 20.47
N ASP A 99 11.66 -27.07 20.46
CA ASP A 99 12.99 -26.54 20.18
C ASP A 99 13.33 -25.46 21.21
N ARG A 100 14.26 -25.79 22.09
CA ARG A 100 14.71 -24.87 23.15
CA ARG A 100 14.69 -24.84 23.14
C ARG A 100 15.31 -23.56 22.58
N SER A 101 15.72 -23.56 21.30
CA SER A 101 16.27 -22.34 20.64
CA SER A 101 16.26 -22.36 20.62
C SER A 101 15.17 -21.36 20.18
N TYR A 102 13.89 -21.76 20.25
CA TYR A 102 12.75 -20.95 19.85
C TYR A 102 12.06 -20.47 21.10
N SER A 103 12.28 -19.21 21.44
CA SER A 103 11.80 -18.68 22.72
C SER A 103 10.37 -18.25 22.68
N GLU A 104 9.76 -18.09 23.85
CA GLU A 104 8.39 -17.55 23.96
CA GLU A 104 8.38 -17.57 23.93
C GLU A 104 8.33 -16.18 23.28
N GLN A 105 9.38 -15.36 23.49
CA GLN A 105 9.41 -14.03 22.86
CA GLN A 105 9.49 -14.02 22.84
C GLN A 105 9.47 -14.14 21.33
N ASN A 106 10.25 -15.09 20.80
CA ASN A 106 10.34 -15.29 19.35
C ASN A 106 8.95 -15.68 18.84
N LEU A 107 8.25 -16.54 19.55
CA LEU A 107 6.90 -16.91 19.16
C LEU A 107 5.97 -15.68 19.12
N LYS A 108 6.03 -14.88 20.19
CA LYS A 108 5.15 -13.68 20.29
C LYS A 108 5.42 -12.74 19.11
N TYR A 109 6.69 -12.54 18.77
CA TYR A 109 7.04 -11.69 17.62
C TYR A 109 6.46 -12.25 16.32
N ASP A 110 6.65 -13.54 16.10
CA ASP A 110 6.25 -14.18 14.85
C ASP A 110 4.74 -14.16 14.70
N ILE A 111 4.04 -14.50 15.77
CA ILE A 111 2.56 -14.49 15.80
CA ILE A 111 2.57 -14.50 15.75
C ILE A 111 2.04 -13.08 15.48
N ALA A 112 2.64 -12.08 16.12
CA ALA A 112 2.19 -10.69 15.91
C ALA A 112 2.34 -10.28 14.43
N GLN A 113 3.44 -10.68 13.79
CA GLN A 113 3.67 -10.38 12.38
C GLN A 113 2.62 -11.03 11.51
N VAL A 114 2.41 -12.35 11.68
CA VAL A 114 1.44 -13.04 10.80
C VAL A 114 0.02 -12.51 11.06
N ARG A 115 -0.30 -12.21 12.31
CA ARG A 115 -1.60 -11.64 12.66
C ARG A 115 -1.79 -10.31 11.92
N ALA A 116 -0.75 -9.46 11.94
CA ALA A 116 -0.81 -8.16 11.28
C ALA A 116 -0.90 -8.31 9.74
N LEU A 117 -0.16 -9.27 9.17
CA LEU A 117 -0.22 -9.51 7.75
C LEU A 117 -1.62 -9.97 7.32
N ARG A 118 -2.22 -10.84 8.10
CA ARG A 118 -3.60 -11.28 7.82
C ARG A 118 -4.57 -10.08 7.85
N ALA A 119 -4.43 -9.23 8.89
CA ALA A 119 -5.27 -8.06 9.03
C ALA A 119 -5.08 -7.09 7.86
N PHE A 120 -3.82 -6.90 7.45
CA PHE A 120 -3.50 -6.08 6.27
C PHE A 120 -4.17 -6.63 5.01
N ALA A 121 -4.06 -7.95 4.82
CA ALA A 121 -4.68 -8.58 3.65
C ALA A 121 -6.18 -8.32 3.63
N TYR A 122 -6.83 -8.41 4.81
CA TYR A 122 -8.24 -8.12 4.90
C TYR A 122 -8.57 -6.68 4.51
N PHE A 123 -7.85 -5.72 5.08
CA PHE A 123 -8.06 -4.32 4.72
C PHE A 123 -7.89 -4.09 3.23
N TYR A 124 -6.78 -4.61 2.71
CA TYR A 124 -6.41 -4.40 1.30
C TYR A 124 -7.48 -4.93 0.36
N VAL A 126 -10.67 -5.57 1.19
CA VAL A 126 -11.93 -4.82 1.40
C VAL A 126 -11.96 -3.54 0.56
N ARG A 127 -10.81 -2.88 0.39
CA ARG A 127 -10.80 -1.70 -0.45
C ARG A 127 -11.10 -2.06 -1.92
N ILE A 128 -10.69 -3.26 -2.34
CA ILE A 128 -10.84 -3.72 -3.72
C ILE A 128 -12.26 -4.24 -4.03
N TRP A 129 -12.74 -5.14 -3.20
CA TRP A 129 -14.00 -5.85 -3.44
C TRP A 129 -15.15 -5.43 -2.55
N GLY A 130 -14.88 -4.73 -1.46
CA GLY A 130 -15.93 -4.39 -0.49
C GLY A 130 -16.15 -5.60 0.43
N ASP A 131 -17.37 -6.14 0.42
CA ASP A 131 -17.69 -7.28 1.25
C ASP A 131 -16.86 -8.47 0.80
N VAL A 132 -16.30 -9.21 1.75
CA VAL A 132 -15.52 -10.42 1.45
C VAL A 132 -15.79 -11.44 2.55
N PRO A 133 -15.69 -12.76 2.22
CA PRO A 133 -15.95 -13.74 3.31
C PRO A 133 -14.94 -13.63 4.48
N LEU A 134 -15.47 -13.49 5.69
CA LEU A 134 -14.60 -13.36 6.87
C LEU A 134 -14.27 -14.74 7.43
N VAL A 135 -13.09 -15.24 7.07
CA VAL A 135 -12.55 -16.52 7.51
C VAL A 135 -11.50 -16.25 8.61
N THR A 136 -11.71 -16.83 9.79
CA THR A 136 -10.85 -16.56 10.96
C THR A 136 -10.07 -17.81 11.45
N TYR A 137 -10.10 -18.86 10.64
CA TYR A 137 -9.51 -20.16 10.99
C TYR A 137 -8.93 -20.81 9.74
N SER A 138 -8.03 -21.77 9.94
CA SER A 138 -7.42 -22.41 8.77
C SER A 138 -8.34 -23.45 8.13
N TYR A 139 -8.12 -23.68 6.84
CA TYR A 139 -8.91 -24.65 6.08
C TYR A 139 -7.99 -25.32 5.07
N ASP A 140 -8.44 -26.44 4.50
CA ASP A 140 -7.60 -27.18 3.54
C ASP A 140 -7.52 -26.50 2.20
N ASN A 141 -6.32 -26.50 1.62
CA ASN A 141 -6.12 -26.06 0.22
C ASN A 141 -7.02 -26.89 -0.69
N GLY A 142 -7.60 -26.24 -1.68
CA GLY A 142 -8.55 -26.89 -2.59
C GLY A 142 -9.98 -26.81 -2.11
N THR A 143 -10.19 -26.32 -0.87
CA THR A 143 -11.51 -26.13 -0.34
C THR A 143 -11.56 -24.64 0.07
N PHE A 144 -12.78 -24.18 0.26
CA PHE A 144 -13.00 -22.85 0.83
C PHE A 144 -14.26 -22.93 1.68
N PRO A 145 -14.27 -22.28 2.88
CA PRO A 145 -15.49 -22.38 3.70
C PRO A 145 -16.76 -21.94 2.98
N SER A 146 -17.85 -22.69 3.22
CA SER A 146 -19.16 -22.38 2.61
CA SER A 146 -19.16 -22.43 2.63
C SER A 146 -19.84 -21.31 3.46
N PRO A 148 -21.25 -16.78 3.00
CA PRO A 148 -21.39 -15.66 2.13
C PRO A 148 -20.25 -14.63 2.35
N ARG A 149 -20.26 -13.63 1.50
CA ARG A 149 -19.43 -12.45 1.71
C ARG A 149 -19.91 -11.79 3.01
N THR A 150 -18.97 -11.33 3.81
CA THR A 150 -19.25 -10.67 5.09
C THR A 150 -19.23 -9.16 4.86
N ASP A 151 -20.14 -8.46 5.54
CA ASP A 151 -20.19 -7.01 5.46
CA ASP A 151 -20.19 -6.99 5.48
C ASP A 151 -18.77 -6.40 5.67
N ALA A 152 -18.39 -5.50 4.78
CA ALA A 152 -17.07 -4.86 4.84
C ALA A 152 -16.81 -4.25 6.21
N GLN A 153 -17.80 -3.60 6.83
CA GLN A 153 -17.62 -3.00 8.16
CA GLN A 153 -17.56 -2.99 8.14
C GLN A 153 -17.21 -4.05 9.19
N THR A 154 -17.84 -5.22 9.12
CA THR A 154 -17.54 -6.33 10.04
C THR A 154 -16.10 -6.83 9.84
N VAL A 155 -15.69 -6.91 8.57
CA VAL A 155 -14.34 -7.36 8.24
C VAL A 155 -13.32 -6.33 8.78
N LEU A 156 -13.60 -5.05 8.57
CA LEU A 156 -12.66 -4.02 9.06
C LEU A 156 -12.61 -3.99 10.58
N SER A 157 -13.74 -4.22 11.25
CA SER A 157 -13.71 -4.29 12.72
C SER A 157 -12.84 -5.45 13.21
N TYR A 158 -12.89 -6.57 12.51
CA TYR A 158 -12.01 -7.70 12.81
C TYR A 158 -10.54 -7.29 12.59
N ALA A 159 -10.27 -6.67 11.43
CA ALA A 159 -8.89 -6.24 11.11
C ALA A 159 -8.33 -5.27 12.15
N LYS A 160 -9.15 -4.32 12.58
CA LYS A 160 -8.72 -3.32 13.58
CA LYS A 160 -8.71 -3.32 13.58
C LYS A 160 -8.36 -3.99 14.91
N ALA A 161 -9.23 -4.90 15.37
CA ALA A 161 -9.00 -5.58 16.64
C ALA A 161 -7.76 -6.46 16.59
N GLU A 162 -7.57 -7.12 15.44
CA GLU A 162 -6.40 -7.95 15.25
C GLU A 162 -5.12 -7.13 15.27
N LEU A 163 -5.14 -5.96 14.63
CA LEU A 163 -3.96 -5.09 14.57
C LEU A 163 -3.63 -4.55 15.97
N LEU A 164 -4.65 -4.13 16.71
CA LEU A 164 -4.42 -3.63 18.10
C LEU A 164 -3.82 -4.74 18.98
N THR A 165 -4.29 -5.98 18.80
CA THR A 165 -3.71 -7.14 19.52
C THR A 165 -2.26 -7.37 19.10
N ALA A 166 -2.01 -7.32 17.78
CA ALA A 166 -0.62 -7.53 17.25
C ALA A 166 0.35 -6.47 17.80
N ILE A 167 -0.12 -5.23 17.90
CA ILE A 167 0.69 -4.08 18.38
C ILE A 167 1.26 -4.34 19.78
N GLU A 168 0.54 -5.08 20.62
CA GLU A 168 1.04 -5.38 21.96
CA GLU A 168 1.02 -5.44 21.99
C GLU A 168 2.38 -6.13 21.93
N ASP A 169 2.60 -6.93 20.88
CA ASP A 169 3.82 -7.75 20.72
C ASP A 169 4.78 -7.34 19.60
N LEU A 170 4.37 -6.45 18.69
CA LEU A 170 5.26 -6.01 17.62
C LEU A 170 6.24 -4.98 18.17
N PRO A 171 7.55 -5.24 18.00
CA PRO A 171 8.53 -4.25 18.42
C PRO A 171 8.71 -3.18 17.33
N TYR A 172 9.39 -2.10 17.70
CA TYR A 172 9.84 -1.08 16.74
C TYR A 172 10.96 -1.66 15.85
N GLN A 173 11.94 -2.32 16.50
CA GLN A 173 13.06 -2.98 15.82
C GLN A 173 13.24 -4.37 16.38
N TYR A 174 13.78 -5.26 15.55
CA TYR A 174 13.92 -6.68 15.89
C TYR A 174 15.34 -7.07 16.25
N GLY A 175 15.49 -7.64 17.44
CA GLY A 175 16.74 -8.18 17.92
C GLY A 175 17.72 -7.17 18.45
N THR A 176 18.75 -7.70 19.12
CA THR A 176 19.88 -6.91 19.61
C THR A 176 21.11 -7.65 19.21
N GLN A 177 22.26 -7.01 19.41
CA GLN A 177 23.52 -7.64 19.04
C GLN A 177 23.79 -8.96 19.84
N THR A 178 23.31 -9.00 21.08
CA THR A 178 23.46 -10.14 21.99
C THR A 178 22.33 -11.18 21.86
N ASN A 179 21.17 -10.75 21.32
CA ASN A 179 19.98 -11.56 21.19
CA ASN A 179 20.01 -11.63 21.15
C ASN A 179 19.42 -11.36 19.78
N LEU A 180 20.04 -12.02 18.79
CA LEU A 180 19.65 -11.84 17.39
C LEU A 180 18.24 -12.35 17.13
N TYR A 181 17.58 -11.75 16.14
CA TYR A 181 16.25 -12.20 15.69
C TYR A 181 16.48 -12.88 14.35
N TYR A 182 16.32 -14.21 14.33
CA TYR A 182 16.58 -14.98 13.14
C TYR A 182 17.90 -14.57 12.44
N GLY A 183 18.95 -14.46 13.27
CA GLY A 183 20.31 -14.18 12.78
C GLY A 183 20.75 -12.76 12.50
N SER A 184 19.84 -11.79 12.61
CA SER A 184 20.11 -10.40 12.34
C SER A 184 19.47 -9.50 13.40
N TYR A 185 19.81 -8.21 13.39
CA TYR A 185 19.19 -7.29 14.34
C TYR A 185 19.14 -5.86 13.84
N GLY A 186 18.30 -5.09 14.52
CA GLY A 186 18.17 -3.64 14.33
C GLY A 186 18.06 -3.18 12.89
N ALA A 187 19.07 -2.45 12.44
CA ALA A 187 19.10 -1.91 11.07
C ALA A 187 18.93 -2.94 9.97
N GLN A 188 19.43 -4.16 10.21
CA GLN A 188 19.32 -5.23 9.24
C GLN A 188 17.89 -5.61 8.90
N TRP A 189 16.97 -5.44 9.85
CA TRP A 189 15.56 -5.76 9.61
C TRP A 189 14.69 -4.54 9.27
N GLN A 190 15.25 -3.32 9.37
CA GLN A 190 14.47 -2.10 9.05
C GLN A 190 14.03 -2.14 7.59
N GLY A 191 12.76 -1.82 7.34
CA GLY A 191 12.26 -1.89 5.96
C GLY A 191 12.07 -3.27 5.41
N LYS A 192 12.12 -4.28 6.28
CA LYS A 192 12.00 -5.68 5.87
C LYS A 192 10.84 -6.36 6.62
N LEU A 193 10.87 -6.31 7.94
CA LEU A 193 9.80 -6.87 8.77
C LEU A 193 8.74 -5.84 9.17
N PHE A 194 7.49 -6.31 9.32
CA PHE A 194 6.36 -5.54 9.76
CA PHE A 194 6.34 -5.51 9.82
C PHE A 194 6.67 -5.13 11.23
N ASN A 195 6.70 -3.83 11.52
CA ASN A 195 7.01 -3.35 12.86
C ASN A 195 5.77 -2.74 13.49
N LYS A 196 5.92 -2.26 14.72
CA LYS A 196 4.76 -1.73 15.44
C LYS A 196 4.09 -0.59 14.66
N LEU A 197 4.90 0.30 14.06
CA LEU A 197 4.35 1.43 13.29
C LEU A 197 3.70 0.98 11.98
N SER A 198 4.22 -0.10 11.39
CA SER A 198 3.54 -0.70 10.22
C SER A 198 2.08 -1.00 10.58
N ALA A 199 1.87 -1.63 11.74
CA ALA A 199 0.50 -1.96 12.20
C ALA A 199 -0.35 -0.71 12.42
N TYR A 200 0.25 0.28 13.10
CA TYR A 200 -0.46 1.56 13.28
C TYR A 200 -0.83 2.22 11.95
N SER A 201 0.00 2.06 10.93
CA SER A 201 -0.27 2.66 9.62
CA SER A 201 -0.28 2.65 9.62
C SER A 201 -1.49 2.03 8.97
N VAL A 202 -1.64 0.71 9.15
CA VAL A 202 -2.82 0.02 8.62
C VAL A 202 -4.05 0.53 9.39
N LEU A 203 -3.96 0.61 10.73
CA LEU A 203 -5.07 1.17 11.54
C LEU A 203 -5.47 2.56 11.06
N ALA A 204 -4.47 3.43 10.87
CA ALA A 204 -4.76 4.79 10.43
C ALA A 204 -5.57 4.80 9.11
N HIS A 205 -5.10 3.99 8.17
CA HIS A 205 -5.75 3.89 6.87
C HIS A 205 -7.12 3.21 6.91
N ILE A 206 -7.29 2.15 7.72
CA ILE A 206 -8.61 1.54 7.86
C ILE A 206 -9.57 2.62 8.37
N CYS A 207 -9.14 3.34 9.40
CA CYS A 207 -10.00 4.38 9.99
C CYS A 207 -10.35 5.46 8.97
N ALA A 208 -9.37 5.95 8.22
CA ALA A 208 -9.66 6.95 7.22
C ALA A 208 -10.65 6.44 6.14
N TRP A 209 -10.44 5.19 5.72
CA TRP A 209 -11.31 4.53 4.70
C TRP A 209 -12.76 4.43 5.17
N GLN A 210 -12.95 4.30 6.49
CA GLN A 210 -14.26 4.26 7.14
C GLN A 210 -14.81 5.62 7.52
N GLY A 211 -14.05 6.69 7.28
CA GLY A 211 -14.46 8.03 7.69
C GLY A 211 -14.29 8.32 9.16
N ASN A 212 -13.57 7.45 9.87
CA ASN A 212 -13.31 7.61 11.31
CA ASN A 212 -13.32 7.59 11.30
C ASN A 212 -12.03 8.41 11.46
N TYR A 213 -12.15 9.71 11.19
CA TYR A 213 -10.98 10.57 11.21
C TYR A 213 -10.42 10.91 12.57
N ALA A 214 -11.24 10.88 13.61
CA ALA A 214 -10.72 11.07 14.96
C ALA A 214 -9.64 10.01 15.26
N GLU A 215 -9.93 8.75 14.96
CA GLU A 215 -8.98 7.66 15.17
C GLU A 215 -7.83 7.72 14.16
N ALA A 216 -8.14 8.08 12.90
CA ALA A 216 -7.09 8.20 11.90
C ALA A 216 -6.05 9.26 12.32
N GLU A 217 -6.53 10.37 12.87
CA GLU A 217 -5.64 11.45 13.31
C GLU A 217 -4.74 10.96 14.45
N THR A 218 -5.34 10.28 15.43
CA THR A 218 -4.56 9.79 16.59
C THR A 218 -3.49 8.78 16.18
N TYR A 219 -3.85 7.86 15.33
CA TYR A 219 -2.88 6.88 14.87
C TYR A 219 -1.80 7.47 13.98
N SER A 220 -2.17 8.38 13.07
CA SER A 220 -1.17 9.04 12.22
CA SER A 220 -1.15 9.01 12.22
C SER A 220 -0.20 9.84 13.11
N ALA A 221 -0.75 10.53 14.11
CA ALA A 221 0.06 11.30 15.08
C ALA A 221 1.05 10.38 15.80
N PHE A 222 0.58 9.22 16.20
CA PHE A 222 1.42 8.29 16.94
C PHE A 222 2.61 7.86 16.08
N ILE A 223 2.32 7.56 14.81
CA ILE A 223 3.37 7.18 13.87
C ILE A 223 4.43 8.27 13.69
N ILE A 224 3.97 9.49 13.43
CA ILE A 224 4.85 10.62 13.23
C ILE A 224 5.72 10.86 14.46
N ASP A 225 5.07 10.76 15.62
CA ASP A 225 5.77 11.03 16.88
C ASP A 225 6.74 9.93 17.29
N HIS A 226 6.60 8.71 16.75
CA HIS A 226 7.53 7.63 17.06
C HIS A 226 8.38 7.18 15.89
N ALA A 227 8.42 7.97 14.81
CA ALA A 227 9.13 7.56 13.59
C ALA A 227 10.60 7.21 13.86
N SER A 228 11.25 7.97 14.73
CA SER A 228 12.68 7.70 15.04
C SER A 228 12.90 6.31 15.61
N GLU A 229 11.88 5.72 16.25
CA GLU A 229 12.04 4.38 16.86
CA GLU A 229 12.02 4.37 16.85
C GLU A 229 12.27 3.29 15.82
N ILE A 230 11.76 3.49 14.60
CA ILE A 230 11.94 2.54 13.49
C ILE A 230 12.93 3.07 12.45
N ASN A 231 13.55 4.23 12.74
CA ASN A 231 14.45 4.90 11.82
C ASN A 231 13.76 5.34 10.51
N ALA A 232 12.52 5.79 10.62
CA ALA A 232 11.77 6.31 9.48
C ALA A 232 11.93 7.83 9.44
N LYS A 233 12.16 8.34 8.24
CA LYS A 233 12.43 9.76 7.99
C LYS A 233 11.63 10.23 6.78
N TYR A 234 11.66 11.55 6.59
CA TYR A 234 11.18 12.14 5.36
C TYR A 234 12.31 11.98 4.33
N THR A 235 11.93 11.65 3.12
CA THR A 235 12.88 11.30 2.06
C THR A 235 13.04 12.48 1.08
N SER A 236 14.29 12.79 0.76
CA SER A 236 14.58 13.80 -0.24
C SER A 236 14.18 13.29 -1.62
N ILE A 237 13.97 14.22 -2.54
CA ILE A 237 13.59 13.82 -3.91
C ILE A 237 14.63 12.87 -4.55
N ALA A 238 15.91 13.15 -4.33
CA ALA A 238 16.98 12.30 -4.87
C ALA A 238 16.89 10.89 -4.29
N ASP A 239 16.73 10.81 -2.97
CA ASP A 239 16.62 9.48 -2.28
C ASP A 239 15.32 8.75 -2.61
N LEU A 240 14.27 9.49 -2.94
CA LEU A 240 13.02 8.84 -3.30
C LEU A 240 13.13 8.14 -4.63
N THR A 241 13.84 8.76 -5.57
CA THR A 241 13.84 8.34 -6.97
C THR A 241 15.10 7.60 -7.44
N SER A 242 16.16 7.61 -6.61
CA SER A 242 17.41 6.97 -6.96
C SER A 242 17.28 5.47 -7.18
N GLU A 243 18.17 4.95 -8.00
CA GLU A 243 18.30 3.52 -8.29
CA GLU A 243 18.19 3.50 -8.27
C GLU A 243 18.65 2.72 -7.01
N THR A 244 19.24 3.41 -6.02
CA THR A 244 19.61 2.83 -4.71
C THR A 244 18.88 3.55 -3.56
N GLY A 245 17.76 4.20 -3.91
CA GLY A 245 16.97 4.93 -2.96
C GLY A 245 15.86 4.09 -2.34
N LEU A 246 14.80 4.78 -1.95
CA LEU A 246 13.70 4.18 -1.17
C LEU A 246 13.13 2.88 -1.72
N PHE A 247 13.02 2.76 -3.04
CA PHE A 247 12.44 1.60 -3.68
C PHE A 247 13.42 0.42 -3.80
N TYR A 248 14.69 0.65 -3.50
CA TYR A 248 15.72 -0.40 -3.53
C TYR A 248 15.71 -1.11 -2.16
N SER A 249 15.63 -2.45 -2.17
CA SER A 249 15.52 -3.26 -0.95
CA SER A 249 15.52 -3.26 -0.95
C SER A 249 16.55 -2.91 0.12
N ASN A 250 17.83 -2.82 -0.29
CA ASN A 250 18.92 -2.56 0.66
CA ASN A 250 18.90 -2.55 0.70
C ASN A 250 19.35 -1.09 0.78
N ALA A 251 18.44 -0.15 0.49
CA ALA A 251 18.72 1.29 0.57
C ALA A 251 19.15 1.71 1.95
N SER A 252 20.05 2.69 2.00
CA SER A 252 20.40 3.32 3.27
C SER A 252 19.15 3.89 3.96
N VAL A 253 18.18 4.35 3.18
CA VAL A 253 16.91 4.89 3.68
C VAL A 253 15.81 3.85 3.85
N LYS A 254 16.14 2.56 3.81
CA LYS A 254 15.13 1.48 3.90
C LYS A 254 14.17 1.56 5.08
N GLY A 255 14.64 2.06 6.23
CA GLY A 255 13.77 2.22 7.38
C GLY A 255 12.58 3.16 7.17
N SER A 256 12.70 4.00 6.15
CA SER A 256 11.65 4.92 5.77
C SER A 256 10.48 4.26 5.06
N ARG A 257 10.64 2.99 4.67
CA ARG A 257 9.49 2.17 4.19
C ARG A 257 8.77 1.70 5.45
N ILE A 258 7.79 2.46 5.91
CA ILE A 258 7.06 2.14 7.15
C ILE A 258 6.35 0.78 7.01
N LEU A 259 5.78 0.54 5.83
CA LEU A 259 5.19 -0.76 5.45
C LEU A 259 5.46 -0.98 3.97
N GLY A 260 6.13 -2.08 3.66
CA GLY A 260 6.39 -2.42 2.28
C GLY A 260 6.78 -3.87 2.13
N PHE A 261 7.01 -4.27 0.88
CA PHE A 261 7.35 -5.67 0.52
C PHE A 261 8.47 -5.64 -0.48
N ASN A 262 9.50 -6.43 -0.19
CA ASN A 262 10.74 -6.42 -0.97
C ASN A 262 10.91 -7.67 -1.80
N PHE A 263 11.72 -7.56 -2.85
CA PHE A 263 11.96 -8.70 -3.76
C PHE A 263 13.41 -9.21 -3.66
N ALA A 264 13.58 -10.54 -3.63
CA ALA A 264 14.92 -11.22 -3.55
C ALA A 264 15.20 -12.06 -4.80
N GLY A 274 5.66 -8.99 -10.12
CA GLY A 274 5.11 -7.60 -10.29
C GLY A 274 5.89 -6.33 -9.82
N HIS A 275 6.10 -5.41 -10.76
CA HIS A 275 6.84 -4.16 -10.55
C HIS A 275 6.25 -3.08 -11.46
N LEU A 276 6.10 -1.86 -10.94
CA LEU A 276 5.56 -0.76 -11.74
C LEU A 276 6.36 -0.57 -13.03
N GLU A 277 7.67 -0.71 -12.91
CA GLU A 277 8.57 -0.57 -14.07
C GLU A 277 8.16 -1.39 -15.31
N GLN A 278 7.54 -2.54 -15.11
CA GLN A 278 7.00 -3.32 -16.24
C GLN A 278 6.03 -2.50 -17.09
N LEU A 279 5.23 -1.67 -16.41
CA LEU A 279 4.26 -0.82 -17.05
C LEU A 279 4.80 0.54 -17.48
N THR A 280 5.79 1.08 -16.78
CA THR A 280 6.23 2.46 -17.03
C THR A 280 7.52 2.64 -17.78
N LEU A 281 8.50 1.74 -17.64
CA LEU A 281 9.79 2.00 -18.25
C LEU A 281 9.87 1.64 -19.73
N ALA A 282 10.71 2.41 -20.42
CA ALA A 282 11.02 2.21 -21.84
C ALA A 282 12.41 2.80 -22.09
N TYR A 283 12.87 2.71 -23.34
CA TYR A 283 14.17 3.21 -23.75
C TYR A 283 14.35 4.68 -23.35
N PRO A 284 15.53 5.08 -22.85
CA PRO A 284 16.77 4.34 -22.68
C PRO A 284 16.96 3.55 -21.39
N LEU A 285 15.98 3.54 -20.49
CA LEU A 285 16.13 2.87 -19.21
C LEU A 285 16.16 1.34 -19.35
N VAL A 286 15.35 0.85 -20.30
CA VAL A 286 15.28 -0.56 -20.67
C VAL A 286 15.18 -0.65 -22.21
N GLN A 287 15.37 -1.82 -22.78
N GLN A 287 15.35 -1.85 -22.74
CA GLN A 287 15.33 -1.97 -24.24
CA GLN A 287 15.21 -2.15 -24.19
C GLN A 287 13.90 -2.02 -24.88
C GLN A 287 13.93 -1.70 -24.84
N LYS A 288 12.83 -1.86 -24.10
CA LYS A 288 11.46 -1.69 -24.61
C LYS A 288 11.27 -0.31 -25.29
N SER A 289 10.75 -0.29 -26.52
CA SER A 289 10.62 0.95 -27.30
CA SER A 289 10.62 0.95 -27.30
C SER A 289 9.68 2.02 -26.72
N TYR A 290 8.55 1.58 -26.16
CA TYR A 290 7.54 2.50 -25.62
CA TYR A 290 7.52 2.47 -25.65
C TYR A 290 7.03 2.01 -24.28
N PRO A 291 6.62 2.96 -23.42
CA PRO A 291 6.07 2.55 -22.12
C PRO A 291 4.63 2.04 -22.30
N GLU A 292 4.16 1.08 -21.48
CA GLU A 292 2.75 0.63 -21.57
CA GLU A 292 2.77 0.63 -21.57
C GLU A 292 1.83 1.73 -21.08
N ILE A 293 2.25 2.46 -20.05
CA ILE A 293 1.48 3.57 -19.47
C ILE A 293 2.45 4.71 -19.16
N TYR A 294 1.95 5.94 -19.19
CA TYR A 294 2.80 7.11 -18.94
C TYR A 294 1.94 8.29 -18.52
N ILE A 295 2.59 9.28 -17.92
CA ILE A 295 1.92 10.55 -17.60
C ILE A 295 2.19 11.46 -18.81
N SER A 296 1.12 11.83 -19.50
CA SER A 296 1.28 12.68 -20.69
C SER A 296 1.74 14.11 -20.30
N LYS A 297 2.25 14.86 -21.27
CA LYS A 297 2.65 16.24 -20.98
C LYS A 297 1.47 17.08 -20.53
N ASP A 298 0.33 16.89 -21.17
CA ASP A 298 -0.90 17.61 -20.76
C ASP A 298 -1.24 17.31 -19.29
N SER A 299 -1.12 16.03 -18.90
CA SER A 299 -1.37 15.69 -17.51
C SER A 299 -0.32 16.33 -16.59
N LEU A 300 0.95 16.24 -16.97
CA LEU A 300 2.03 16.78 -16.14
C LEU A 300 1.86 18.26 -15.87
N PHE A 301 1.49 19.00 -16.91
CA PHE A 301 1.35 20.44 -16.77
C PHE A 301 0.09 20.85 -16.05
N SER A 302 -0.90 19.96 -15.99
CA SER A 302 -2.14 20.21 -15.25
CA SER A 302 -2.15 20.22 -15.25
C SER A 302 -1.94 19.92 -13.75
N ILE A 303 -1.22 18.83 -13.46
CA ILE A 303 -1.01 18.34 -12.09
C ILE A 303 0.05 19.10 -11.33
N PHE A 304 1.18 19.36 -11.99
CA PHE A 304 2.30 20.09 -11.43
C PHE A 304 2.17 21.51 -11.94
N THR A 305 1.80 22.41 -11.02
CA THR A 305 1.45 23.78 -11.36
C THR A 305 2.55 24.80 -11.10
N ASN A 306 3.65 24.35 -10.52
CA ASN A 306 4.73 25.25 -10.10
C ASN A 306 6.03 24.66 -10.59
N PHE A 307 6.78 25.43 -11.41
CA PHE A 307 8.06 24.92 -11.92
C PHE A 307 9.13 24.63 -10.88
N ASP A 308 8.97 25.16 -9.67
CA ASP A 308 9.88 24.85 -8.58
C ASP A 308 9.63 23.50 -7.91
N ASP A 309 8.54 22.81 -8.29
CA ASP A 309 8.23 21.48 -7.76
C ASP A 309 9.39 20.53 -8.13
N LEU A 310 10.08 20.04 -7.09
CA LEU A 310 11.23 19.16 -7.32
C LEU A 310 10.89 17.85 -8.01
N ARG A 311 9.64 17.40 -7.92
CA ARG A 311 9.24 16.17 -8.59
C ARG A 311 9.15 16.33 -10.12
N PHE A 312 8.83 17.55 -10.57
CA PHE A 312 8.69 17.85 -11.99
C PHE A 312 9.13 19.28 -12.25
N GLY A 313 10.44 19.46 -12.22
CA GLY A 313 11.02 20.77 -12.35
C GLY A 313 12.46 20.65 -12.75
N ILE A 314 13.34 20.79 -11.77
CA ILE A 314 14.78 20.72 -12.02
C ILE A 314 15.18 19.38 -12.69
N ILE A 315 16.17 19.47 -13.58
CA ILE A 315 16.77 18.34 -14.25
C ILE A 315 17.33 17.35 -13.23
N ASP A 316 17.31 16.06 -13.57
CA ASP A 316 17.98 15.03 -12.81
C ASP A 316 19.15 14.51 -13.67
N THR A 317 20.19 15.33 -13.76
CA THR A 317 21.43 15.04 -14.51
C THR A 317 21.30 15.00 -16.04
N ILE A 318 20.49 14.07 -16.55
CA ILE A 318 20.41 13.89 -17.98
C ILE A 318 19.45 14.82 -18.70
N LYS A 319 19.80 15.13 -19.95
CA LYS A 319 19.03 16.03 -20.77
C LYS A 319 17.60 15.48 -20.94
N TYR A 320 16.63 16.40 -20.87
CA TYR A 320 15.20 16.15 -21.02
C TYR A 320 14.61 15.35 -19.85
N SER A 321 15.27 15.41 -18.70
CA SER A 321 14.78 14.73 -17.49
C SER A 321 14.28 15.74 -16.43
N SER A 322 13.61 15.12 -15.47
CA SER A 322 13.16 15.69 -14.22
C SER A 322 13.22 14.51 -13.26
N TYR A 323 12.93 14.74 -11.98
CA TYR A 323 13.02 13.62 -11.02
C TYR A 323 11.96 12.52 -11.21
N TYR A 324 10.79 12.89 -11.74
CA TYR A 324 9.74 11.89 -12.03
C TYR A 324 9.69 11.38 -13.45
N VAL A 325 10.14 12.18 -14.42
CA VAL A 325 9.91 11.89 -15.82
C VAL A 325 11.17 12.12 -16.68
N GLN A 326 11.40 11.23 -17.62
CA GLN A 326 12.48 11.34 -18.60
C GLN A 326 11.91 11.39 -20.01
N ASN A 327 12.78 11.71 -20.98
CA ASN A 327 12.38 11.79 -22.38
C ASN A 327 11.32 12.84 -22.63
N LEU A 328 11.50 14.01 -21.97
CA LEU A 328 10.53 15.11 -22.14
C LEU A 328 10.50 15.72 -23.56
N ASN A 329 11.52 15.42 -24.35
CA ASN A 329 11.57 15.79 -25.77
C ASN A 329 10.69 14.89 -26.65
N GLU A 330 10.25 13.71 -26.15
CA GLU A 330 9.45 12.76 -26.94
C GLU A 330 7.95 12.99 -26.69
N GLU A 331 7.11 12.42 -27.56
CA GLU A 331 5.65 12.55 -27.41
C GLU A 331 5.10 11.74 -26.23
N THR A 332 5.78 10.63 -25.87
CA THR A 332 5.37 9.79 -24.73
C THR A 332 6.55 9.73 -23.72
N PRO A 333 6.65 10.78 -22.88
CA PRO A 333 7.70 10.76 -21.85
C PRO A 333 7.52 9.59 -20.90
N VAL A 334 8.63 9.12 -20.35
CA VAL A 334 8.68 7.95 -19.50
C VAL A 334 8.60 8.36 -18.03
N PHE A 335 7.62 7.80 -17.31
CA PHE A 335 7.51 8.00 -15.87
C PHE A 335 8.61 7.11 -15.25
N SER A 336 9.70 7.78 -14.87
CA SER A 336 10.92 7.16 -14.42
C SER A 336 11.17 7.26 -12.91
N LYS A 337 10.17 7.74 -12.15
CA LYS A 337 10.31 7.89 -10.70
C LYS A 337 10.88 6.64 -10.04
N ILE A 338 10.29 5.49 -10.39
CA ILE A 338 10.62 4.18 -9.82
C ILE A 338 11.38 3.44 -10.92
N LYS A 339 12.63 3.12 -10.64
CA LYS A 339 13.58 2.58 -11.66
C LYS A 339 14.70 1.71 -11.04
N ILE A 340 14.25 0.65 -10.37
CA ILE A 340 15.15 -0.29 -9.67
C ILE A 340 15.41 -1.44 -10.67
N ILE A 341 16.44 -1.24 -11.50
CA ILE A 341 16.71 -2.15 -12.64
C ILE A 341 17.90 -3.07 -12.34
N GLN A 342 17.67 -4.39 -12.39
CA GLN A 342 18.74 -5.40 -12.20
C GLN A 342 19.67 -5.44 -13.41
N GLY A 352 12.96 -6.40 -19.18
CA GLY A 352 13.92 -6.28 -18.08
C GLY A 352 13.53 -6.99 -16.79
N VAL A 353 14.44 -6.96 -15.81
CA VAL A 353 14.25 -7.57 -14.49
C VAL A 353 14.39 -6.41 -13.50
N PHE A 354 13.40 -6.29 -12.62
CA PHE A 354 13.31 -5.18 -11.68
C PHE A 354 13.35 -5.66 -10.25
N GLY A 355 13.84 -4.80 -9.35
CA GLY A 355 13.98 -5.10 -7.93
C GLY A 355 13.22 -4.17 -6.99
N SER A 356 12.34 -3.32 -7.52
CA SER A 356 11.65 -2.35 -6.70
C SER A 356 10.72 -2.95 -5.65
N SER A 357 10.79 -2.39 -4.46
CA SER A 357 9.90 -2.75 -3.38
C SER A 357 8.56 -2.07 -3.58
N ILE A 358 7.51 -2.75 -3.12
CA ILE A 358 6.22 -2.12 -2.89
C ILE A 358 6.36 -1.26 -1.62
N VAL A 359 5.97 0.00 -1.71
CA VAL A 359 5.97 0.90 -0.56
C VAL A 359 4.52 1.26 -0.28
N PHE A 360 3.93 0.55 0.69
CA PHE A 360 2.57 0.83 1.04
C PHE A 360 2.44 2.20 1.67
N THR A 361 3.35 2.50 2.60
CA THR A 361 3.35 3.79 3.28
C THR A 361 4.74 4.18 3.74
N ARG A 362 4.83 5.47 3.99
CA ARG A 362 6.02 6.19 4.40
C ARG A 362 5.56 7.47 5.08
N LEU A 363 6.50 8.19 5.69
CA LEU A 363 6.13 9.37 6.49
CA LEU A 363 6.12 9.34 6.50
C LEU A 363 5.32 10.42 5.75
N GLU A 364 5.60 10.62 4.47
CA GLU A 364 4.89 11.66 3.71
C GLU A 364 3.39 11.30 3.57
N ASP A 365 3.12 10.02 3.34
CA ASP A 365 1.73 9.52 3.27
C ASP A 365 0.99 9.80 4.59
N ILE A 366 1.60 9.35 5.68
CA ILE A 366 0.99 9.48 7.01
C ILE A 366 0.81 10.96 7.41
N THR A 367 1.76 11.81 7.03
CA THR A 367 1.69 13.24 7.30
C THR A 367 0.57 13.89 6.54
N LEU A 368 0.40 13.51 5.27
CA LEU A 368 -0.72 14.05 4.47
C LEU A 368 -2.04 13.47 4.96
N LEU A 369 -2.04 12.22 5.43
CA LEU A 369 -3.26 11.59 6.01
C LEU A 369 -3.68 12.37 7.23
N ARG A 370 -2.72 12.71 8.07
CA ARG A 370 -3.00 13.52 9.24
C ARG A 370 -3.66 14.86 8.86
N ALA A 371 -3.11 15.53 7.83
CA ALA A 371 -3.72 16.78 7.31
C ALA A 371 -5.18 16.57 6.87
N GLU A 372 -5.42 15.51 6.10
CA GLU A 372 -6.76 15.14 5.67
C GLU A 372 -7.68 14.96 6.89
N ALA A 373 -7.21 14.20 7.88
CA ALA A 373 -8.00 13.92 9.08
C ALA A 373 -8.33 15.19 9.88
N LEU A 374 -7.35 16.07 9.99
CA LEU A 374 -7.53 17.32 10.74
C LEU A 374 -8.58 18.21 10.04
N CYS A 375 -8.53 18.28 8.70
CA CYS A 375 -9.59 18.97 7.97
C CYS A 375 -10.95 18.35 8.21
N ALA A 376 -11.01 17.03 8.14
CA ALA A 376 -12.25 16.31 8.38
C ALA A 376 -12.88 16.62 9.75
N LEU A 377 -12.00 16.84 10.72
CA LEU A 377 -12.35 17.18 12.09
C LEU A 377 -12.56 18.70 12.31
N ASN A 378 -12.60 19.47 11.23
CA ASN A 378 -12.79 20.92 11.27
CA ASN A 378 -12.80 20.92 11.29
C ASN A 378 -11.66 21.62 12.05
N ARG A 379 -10.42 21.12 11.86
CA ARG A 379 -9.19 21.64 12.43
C ARG A 379 -8.21 21.96 11.30
N SER A 380 -8.74 22.68 10.29
CA SER A 380 -7.96 23.04 9.09
C SER A 380 -6.70 23.84 9.34
N THR A 381 -6.71 24.76 10.33
CA THR A 381 -5.52 25.54 10.62
CA THR A 381 -5.49 25.53 10.61
C THR A 381 -4.37 24.62 11.03
N GLU A 382 -4.67 23.59 11.81
CA GLU A 382 -3.65 22.62 12.19
C GLU A 382 -3.18 21.74 11.00
N ALA A 383 -4.08 21.45 10.06
CA ALA A 383 -3.73 20.64 8.90
C ALA A 383 -2.63 21.28 8.05
N VAL A 384 -2.66 22.62 7.98
CA VAL A 384 -1.74 23.35 7.11
C VAL A 384 -0.29 23.09 7.45
N SER A 385 0.04 23.01 8.76
CA SER A 385 1.44 22.76 9.12
CA SER A 385 1.41 22.73 9.18
C SER A 385 1.94 21.42 8.56
N TYR A 386 1.09 20.40 8.56
CA TYR A 386 1.47 19.06 8.04
C TYR A 386 1.61 19.07 6.51
N LEU A 387 0.69 19.73 5.83
CA LEU A 387 0.78 19.94 4.38
C LEU A 387 2.11 20.63 4.04
N ASN A 388 2.42 21.70 4.77
CA ASN A 388 3.66 22.43 4.53
C ASN A 388 4.94 21.62 4.70
N ILE A 390 5.46 18.62 3.76
CA ILE A 390 5.69 17.94 2.50
C ILE A 390 6.07 18.96 1.41
N ARG A 391 5.29 20.05 1.31
CA ARG A 391 5.56 21.08 0.29
C ARG A 391 6.98 21.62 0.32
N THR A 392 7.43 21.97 1.53
CA THR A 392 8.75 22.60 1.68
C THR A 392 9.92 21.63 1.50
N ASN A 393 9.67 20.30 1.46
CA ASN A 393 10.72 19.34 1.09
C ASN A 393 10.65 19.00 -0.41
N ARG A 394 9.78 19.69 -1.15
CA ARG A 394 9.59 19.48 -2.59
C ARG A 394 9.66 20.78 -3.39
N GLY A 395 10.36 21.75 -2.82
CA GLY A 395 10.61 23.03 -3.48
C GLY A 395 9.48 24.03 -3.53
N LEU A 396 8.38 23.73 -2.83
CA LEU A 396 7.22 24.58 -2.84
C LEU A 396 7.18 25.46 -1.59
N ARG A 397 6.66 26.68 -1.77
CA ARG A 397 6.54 27.62 -0.65
C ARG A 397 5.51 27.13 0.35
N GLU A 398 5.67 27.60 1.58
CA GLU A 398 4.62 27.40 2.57
C GLU A 398 3.35 28.12 2.14
N VAL A 399 2.22 27.50 2.46
CA VAL A 399 0.90 28.06 2.30
C VAL A 399 0.29 28.39 3.65
N SER A 400 -0.72 29.25 3.61
CA SER A 400 -1.47 29.61 4.82
CA SER A 400 -1.48 29.72 4.77
C SER A 400 -2.96 29.54 4.54
N PHE A 401 -3.71 29.17 5.56
CA PHE A 401 -5.14 28.93 5.41
C PHE A 401 -5.93 30.15 4.90
N LYS A 402 -5.69 31.34 5.48
CA LYS A 402 -6.41 32.54 5.03
C LYS A 402 -5.99 33.05 3.68
N LYS A 403 -4.70 33.32 3.55
CA LYS A 403 -4.15 33.91 2.30
CA LYS A 403 -4.12 33.89 2.31
C LYS A 403 -4.34 33.01 1.09
N ASP A 404 -4.10 31.71 1.25
CA ASP A 404 -4.12 30.77 0.09
C ASP A 404 -5.41 29.99 -0.11
N PHE A 405 -6.22 29.86 0.94
CA PHE A 405 -7.47 29.07 0.84
C PHE A 405 -8.70 29.83 1.27
N GLY A 406 -8.56 31.09 1.66
CA GLY A 406 -9.70 31.89 2.15
C GLY A 406 -10.42 31.28 3.33
N ASN A 407 -9.68 30.54 4.19
CA ASN A 407 -10.26 29.81 5.30
C ASN A 407 -11.36 28.81 4.89
N ASN A 408 -11.25 28.28 3.66
CA ASN A 408 -12.24 27.35 3.10
C ASN A 408 -11.70 25.93 3.30
N ARG A 409 -12.36 25.20 4.18
CA ARG A 409 -12.00 23.79 4.53
C ARG A 409 -11.93 22.89 3.29
N GLU A 410 -12.92 23.03 2.41
CA GLU A 410 -12.99 22.15 1.23
CA GLU A 410 -12.99 22.16 1.22
C GLU A 410 -11.85 22.49 0.24
N SER A 411 -11.49 23.77 0.13
CA SER A 411 -10.39 24.19 -0.75
CA SER A 411 -10.39 24.19 -0.74
C SER A 411 -9.08 23.54 -0.24
N LEU A 412 -8.88 23.56 1.09
CA LEU A 412 -7.70 22.94 1.69
C LEU A 412 -7.71 21.42 1.51
N ILE A 413 -8.86 20.79 1.73
CA ILE A 413 -8.98 19.33 1.49
C ILE A 413 -8.60 18.99 0.05
N ALA A 414 -9.11 19.76 -0.90
CA ALA A 414 -8.81 19.48 -2.32
C ALA A 414 -7.28 19.58 -2.55
N GLU A 415 -6.65 20.59 -1.97
CA GLU A 415 -5.21 20.78 -2.14
C GLU A 415 -4.36 19.67 -1.48
N ILE A 416 -4.78 19.21 -0.32
CA ILE A 416 -4.12 18.05 0.34
C ILE A 416 -4.16 16.85 -0.60
N PHE A 417 -5.33 16.60 -1.24
CA PHE A 417 -5.39 15.51 -2.23
C PHE A 417 -4.53 15.75 -3.49
N GLU A 418 -4.37 17.01 -3.92
CA GLU A 418 -3.46 17.28 -5.04
C GLU A 418 -2.01 17.03 -4.61
N GLU A 419 -1.68 17.35 -3.36
CA GLU A 419 -0.33 17.06 -2.86
C GLU A 419 -0.08 15.55 -2.81
N ARG A 420 -1.06 14.79 -2.32
CA ARG A 420 -0.95 13.33 -2.38
C ARG A 420 -0.79 12.82 -3.83
N ARG A 421 -1.55 13.43 -4.74
CA ARG A 421 -1.53 13.06 -6.16
C ARG A 421 -0.10 13.20 -6.69
N ARG A 422 0.55 14.31 -6.34
CA ARG A 422 1.93 14.53 -6.71
C ARG A 422 2.94 13.63 -5.97
N GLU A 423 2.85 13.61 -4.67
CA GLU A 423 3.83 12.93 -3.85
C GLU A 423 3.83 11.44 -3.96
N LEU A 424 2.64 10.86 -4.03
CA LEU A 424 2.49 9.42 -3.99
C LEU A 424 2.23 8.82 -5.37
N GLY A 426 2.37 6.80 -8.54
CA GLY A 426 2.99 5.52 -8.78
C GLY A 426 3.17 4.60 -7.57
N GLU A 427 2.61 4.99 -6.42
CA GLU A 427 2.71 4.20 -5.19
C GLU A 427 1.41 3.52 -4.76
N GLY A 428 0.45 3.42 -5.68
CA GLY A 428 -0.79 2.67 -5.44
C GLY A 428 -1.84 3.35 -4.59
N TRP A 429 -1.81 4.69 -4.56
CA TRP A 429 -2.73 5.49 -3.73
C TRP A 429 -3.84 6.25 -4.43
N ARG A 430 -3.60 6.68 -5.66
CA ARG A 430 -4.50 7.63 -6.34
C ARG A 430 -5.98 7.23 -6.33
N TRP A 431 -6.27 6.01 -6.73
CA TRP A 431 -7.68 5.58 -6.81
C TRP A 431 -8.36 5.60 -5.43
N TYR A 432 -7.72 5.03 -4.42
CA TYR A 432 -8.28 5.01 -3.08
C TYR A 432 -8.43 6.45 -2.53
N ASP A 433 -7.42 7.28 -2.80
CA ASP A 433 -7.46 8.69 -2.45
C ASP A 433 -8.61 9.40 -3.13
N LEU A 434 -8.91 9.06 -4.40
CA LEU A 434 -10.04 9.72 -5.10
C LEU A 434 -11.35 9.43 -4.38
N VAL A 435 -11.49 8.19 -3.91
CA VAL A 435 -12.70 7.77 -3.18
C VAL A 435 -12.79 8.52 -1.82
N ARG A 436 -11.70 8.53 -1.03
CA ARG A 436 -11.76 9.25 0.26
C ARG A 436 -12.01 10.75 0.02
N ARG A 437 -11.34 11.31 -0.98
CA ARG A 437 -11.57 12.71 -1.36
C ARG A 437 -13.03 12.97 -1.71
N GLN A 438 -13.63 12.07 -2.48
CA GLN A 438 -15.01 12.30 -2.89
C GLN A 438 -15.97 12.30 -1.69
N LYS A 439 -15.72 11.40 -0.75
CA LYS A 439 -16.54 11.32 0.44
C LYS A 439 -16.53 12.58 1.28
N LEU A 440 -15.39 13.27 1.28
CA LEU A 440 -15.26 14.55 1.98
C LEU A 440 -15.76 15.74 1.16
N LYS A 442 -17.67 15.80 -1.75
CA LYS A 442 -19.02 15.61 -2.28
C LYS A 442 -19.30 16.53 -3.49
N ASP A 443 -18.28 16.69 -4.33
CA ASP A 443 -18.34 17.61 -5.48
C ASP A 443 -18.65 16.95 -6.81
N ASN A 444 -19.03 15.67 -6.80
CA ASN A 444 -19.36 14.96 -8.02
C ASN A 444 -20.44 13.92 -7.75
N GLU A 445 -21.68 14.27 -8.10
CA GLU A 445 -22.81 13.36 -7.85
C GLU A 445 -22.66 12.04 -8.58
N ALA A 446 -22.08 12.03 -9.79
CA ALA A 446 -21.88 10.78 -10.53
C ALA A 446 -20.93 9.86 -9.78
N PHE A 447 -19.87 10.45 -9.22
CA PHE A 447 -18.89 9.68 -8.42
C PHE A 447 -19.57 9.25 -7.10
N LEU A 448 -20.34 10.12 -6.46
CA LEU A 448 -21.07 9.71 -5.22
C LEU A 448 -22.00 8.52 -5.50
N ARG A 449 -22.62 8.51 -6.67
CA ARG A 449 -23.50 7.37 -7.04
C ARG A 449 -22.65 6.13 -7.28
N LEU A 450 -21.50 6.28 -7.93
CA LEU A 450 -20.58 5.15 -8.11
C LEU A 450 -20.19 4.53 -6.76
N ILE A 451 -20.00 5.37 -5.75
CA ILE A 451 -19.65 4.90 -4.39
C ILE A 451 -20.83 4.14 -3.79
N SER A 452 -22.01 4.75 -3.81
CA SER A 452 -23.17 4.13 -3.18
C SER A 452 -23.64 2.85 -3.88
N SER A 453 -23.43 2.80 -5.20
CA SER A 453 -23.87 1.67 -6.01
C SER A 453 -22.86 0.52 -6.02
N GLY A 454 -21.67 0.70 -5.45
CA GLY A 454 -20.68 -0.36 -5.46
C GLY A 454 -19.82 -0.41 -6.69
N GLY A 455 -19.94 0.57 -7.59
CA GLY A 455 -19.09 0.64 -8.77
C GLY A 455 -17.66 1.05 -8.52
N ILE A 456 -17.35 1.37 -7.26
CA ILE A 456 -15.98 1.64 -6.81
C ILE A 456 -15.24 0.35 -6.45
N TYR A 457 -15.92 -0.80 -6.51
CA TYR A 457 -15.25 -2.08 -6.25
C TYR A 457 -15.12 -2.89 -7.52
N TRP A 458 -14.27 -3.89 -7.44
CA TRP A 458 -14.04 -4.83 -8.53
C TRP A 458 -15.10 -5.91 -8.51
N PRO A 459 -15.41 -6.48 -9.68
CA PRO A 459 -16.28 -7.65 -9.67
C PRO A 459 -15.58 -8.83 -8.96
N VAL A 460 -16.40 -9.75 -8.42
CA VAL A 460 -15.95 -11.03 -7.95
C VAL A 460 -15.75 -11.93 -9.18
N SER A 461 -14.64 -12.66 -9.22
CA SER A 461 -14.38 -13.55 -10.36
C SER A 461 -15.49 -14.59 -10.46
N GLU A 462 -15.97 -14.82 -11.70
CA GLU A 462 -17.02 -15.82 -11.90
C GLU A 462 -16.57 -17.24 -11.51
N ASP A 463 -15.27 -17.51 -11.58
CA ASP A 463 -14.71 -18.79 -11.11
C ASP A 463 -14.97 -19.00 -9.61
N ILE A 464 -14.85 -17.94 -8.83
CA ILE A 464 -15.11 -17.97 -7.38
C ILE A 464 -16.60 -18.27 -7.12
N ILE A 465 -17.49 -17.60 -7.84
CA ILE A 465 -18.94 -17.75 -7.65
C ILE A 465 -19.41 -19.15 -8.04
N THR A 466 -18.88 -19.65 -9.15
CA THR A 466 -19.20 -21.03 -9.59
C THR A 466 -18.85 -22.09 -8.53
N ALA A 467 -17.67 -21.95 -7.94
CA ALA A 467 -17.15 -22.89 -6.94
C ALA A 467 -17.78 -22.74 -5.54
N ASN A 468 -18.33 -21.58 -5.24
CA ASN A 468 -18.83 -21.22 -3.88
C ASN A 468 -20.20 -20.52 -4.01
N SER A 469 -21.27 -21.32 -4.01
CA SER A 469 -22.63 -20.84 -4.30
C SER A 469 -23.17 -19.75 -3.35
N GLN A 470 -22.59 -19.59 -2.16
CA GLN A 470 -23.09 -18.54 -1.25
C GLN A 470 -22.48 -17.17 -1.57
N ILE A 471 -21.46 -17.13 -2.46
CA ILE A 471 -20.79 -15.88 -2.83
CA ILE A 471 -20.79 -15.87 -2.80
C ILE A 471 -21.58 -15.19 -3.93
N GLU A 472 -22.05 -13.97 -3.66
CA GLU A 472 -22.89 -13.18 -4.58
CA GLU A 472 -22.86 -13.20 -4.61
C GLU A 472 -22.03 -12.13 -5.30
N GLN A 473 -22.33 -11.89 -6.56
CA GLN A 473 -21.63 -10.89 -7.30
C GLN A 473 -22.02 -9.50 -6.78
N ASN A 474 -21.10 -8.56 -6.96
CA ASN A 474 -21.38 -7.14 -6.70
C ASN A 474 -22.49 -6.71 -7.68
N GLU A 475 -23.55 -6.13 -7.14
CA GLU A 475 -24.76 -5.71 -7.90
C GLU A 475 -24.40 -4.84 -9.11
N PHE A 476 -23.43 -3.96 -8.95
CA PHE A 476 -23.00 -3.06 -10.02
C PHE A 476 -22.52 -3.79 -11.27
N TRP A 477 -21.89 -4.96 -11.09
CA TRP A 477 -21.26 -5.73 -12.15
C TRP A 477 -22.08 -6.93 -12.63
N LYS A 478 -23.29 -7.10 -12.11
CA LYS A 478 -24.18 -8.19 -12.56
C LYS A 478 -24.66 -7.92 -13.99
#